data_4YXL
#
_entry.id   4YXL
#
_cell.length_a   83.916
_cell.length_b   105.969
_cell.length_c   76.326
_cell.angle_alpha   90.00
_cell.angle_beta   95.37
_cell.angle_gamma   90.00
#
_symmetry.space_group_name_H-M   'C 1 2 1'
#
loop_
_entity.id
_entity.type
_entity.pdbx_description
1 polymer 'Major prion protein'
2 polymer 'POM1 FAB HEAVY CHAIN'
3 polymer 'POM1 FAB LIGHT CHAIN'
4 non-polymer 'SODIUM ION'
5 water water
#
loop_
_entity_poly.entity_id
_entity_poly.type
_entity_poly.pdbx_seq_one_letter_code
_entity_poly.pdbx_strand_id
1 'polypeptide(L)'
;MGSSHHHHHHSSGLVPRGSHMLEGQGGGTHNQWNKPSKPKTNMKHMAGAAAAGAVVGGLGGYMLGSAMSRPMMHFGNDWE
DRYYRENMNRYPNQVYYRPVDQYNNQNNFVHDCVNITIKQHTVTTTTKGENFTETDIKIMERVVEQMCTTQYQKESQAYY
DGRRSS
;
A
2 'polypeptide(L)'
;QVQLQQSGTELVMPGASVKMSCKASGYTFTDYWMHWVKQRPGQGLEWIGSIDPSDSYTSHNEKFKGKATLTVDESSSTAY
MQLSSLTSEDSAVYFCSRSGYGYYAMEYWGQGTSVTVSSAKTAPPSVYPLAPGGGATNSMVTLGCLVKGYFPEPVTVTWN
SGSLSGGVHTFPAVLQSDLYTLSSSVTVPSSTWPSETVTCNVAHPASSTKVDKKIVPR
;
H
3 'polypeptide(L)'
;DIVLTQSPAILSVSPGERVSFSCRASQNIGTSIHWYQQRTNESPRLIIKYASESISGIPSRFSGSGSGTDFTLSINSVES
EDIADYYCQQSNTWPYTFGGGTKLELKRADAAPTVSIFPPSSEQLTSGGASVVCFLNNFYPKDINVKWKIDGSERQNGVL
NSETDQDSKDSTYSMSSTLTLTKDEYERHNTYTCEATHKTSTSPIVKSFNRNE
;
L
#
# COMPACT_ATOMS: atom_id res chain seq x y z
N GLY A 57 -14.98 -49.21 -5.28
CA GLY A 57 -14.55 -48.22 -6.26
C GLY A 57 -13.81 -48.97 -7.34
N GLY A 58 -14.10 -50.27 -7.38
CA GLY A 58 -13.40 -51.20 -8.25
C GLY A 58 -12.82 -52.33 -7.40
N LEU A 59 -12.91 -52.19 -6.09
CA LEU A 59 -12.33 -53.18 -5.17
C LEU A 59 -13.13 -53.39 -3.88
N GLY A 60 -14.11 -52.54 -3.58
CA GLY A 60 -14.88 -52.74 -2.36
C GLY A 60 -14.96 -51.74 -1.21
N GLY A 61 -16.11 -51.75 -0.54
CA GLY A 61 -16.39 -50.90 0.61
C GLY A 61 -17.04 -49.54 0.42
N TYR A 62 -17.15 -49.05 -0.80
CA TYR A 62 -17.74 -47.74 -0.96
C TYR A 62 -19.20 -47.78 -1.30
N MET A 63 -19.91 -46.77 -0.83
CA MET A 63 -21.33 -46.60 -1.04
C MET A 63 -21.64 -45.31 -1.83
N LEU A 64 -22.76 -45.32 -2.54
CA LEU A 64 -23.20 -44.17 -3.33
C LEU A 64 -24.41 -43.41 -2.75
N GLY A 65 -24.16 -42.15 -2.45
CA GLY A 65 -25.14 -41.20 -1.95
C GLY A 65 -26.18 -40.77 -2.94
N SER A 66 -27.27 -40.21 -2.45
CA SER A 66 -28.29 -39.66 -3.35
C SER A 66 -27.78 -38.41 -4.08
N ALA A 67 -28.35 -38.14 -5.26
CA ALA A 67 -27.97 -36.97 -6.04
C ALA A 67 -28.31 -35.69 -5.37
N MET A 68 -27.40 -34.74 -5.51
CA MET A 68 -27.51 -33.41 -4.93
C MET A 68 -27.49 -32.36 -6.03
N SER A 69 -28.19 -31.28 -5.77
CA SER A 69 -28.21 -30.10 -6.62
C SER A 69 -26.83 -29.54 -6.85
N ARG A 70 -26.52 -29.18 -8.10
CA ARG A 70 -25.24 -28.54 -8.43
C ARG A 70 -25.26 -27.09 -7.88
N PRO A 71 -24.27 -26.74 -7.04
CA PRO A 71 -24.24 -25.38 -6.46
C PRO A 71 -23.75 -24.30 -7.42
N MET A 72 -24.23 -23.07 -7.18
CA MET A 72 -23.62 -21.94 -7.82
C MET A 72 -22.20 -21.77 -7.19
N MET A 73 -21.15 -21.82 -7.98
CA MET A 73 -19.82 -21.63 -7.47
C MET A 73 -19.06 -20.50 -8.13
N HIS A 74 -18.44 -19.63 -7.33
CA HIS A 74 -17.68 -18.56 -7.92
C HIS A 74 -16.17 -18.83 -7.76
N PHE A 75 -15.42 -18.75 -8.86
CA PHE A 75 -14.03 -19.16 -8.81
C PHE A 75 -12.99 -18.01 -8.75
N GLY A 76 -13.48 -16.76 -8.70
CA GLY A 76 -12.63 -15.65 -8.40
C GLY A 76 -12.13 -14.98 -9.66
N ASN A 77 -12.41 -15.53 -10.85
CA ASN A 77 -12.00 -14.80 -12.04
C ASN A 77 -12.98 -15.08 -13.20
N ASP A 78 -12.95 -14.22 -14.22
CA ASP A 78 -13.97 -14.28 -15.24
C ASP A 78 -13.87 -15.58 -16.07
N TRP A 79 -12.66 -15.95 -16.42
CA TRP A 79 -12.47 -17.10 -17.32
C TRP A 79 -12.90 -18.40 -16.64
N GLU A 80 -12.48 -18.65 -15.41
CA GLU A 80 -12.91 -19.86 -14.75
C GLU A 80 -14.43 -19.84 -14.48
N ASP A 81 -15.03 -18.69 -14.16
CA ASP A 81 -16.49 -18.67 -13.91
C ASP A 81 -17.23 -19.09 -15.21
N ARG A 82 -16.80 -18.51 -16.33
CA ARG A 82 -17.43 -18.81 -17.63
C ARG A 82 -17.21 -20.30 -17.96
N TYR A 83 -15.96 -20.74 -17.81
CA TYR A 83 -15.60 -22.15 -18.04
C TYR A 83 -16.48 -23.06 -17.21
N TYR A 84 -16.61 -22.71 -15.93
CA TYR A 84 -17.45 -23.48 -15.03
C TYR A 84 -18.88 -23.55 -15.54
N ARG A 85 -19.48 -22.41 -15.85
CA ARG A 85 -20.86 -22.37 -16.37
C ARG A 85 -21.04 -23.31 -17.55
N GLU A 86 -20.05 -23.33 -18.47
CA GLU A 86 -20.16 -24.15 -19.68
C GLU A 86 -19.85 -25.64 -19.45
N ASN A 87 -18.93 -25.95 -18.55
CA ASN A 87 -18.49 -27.33 -18.40
C ASN A 87 -19.05 -28.08 -17.19
N MET A 88 -19.81 -27.41 -16.32
CA MET A 88 -20.14 -28.02 -15.03
C MET A 88 -21.02 -29.29 -15.08
N ASN A 89 -21.74 -29.49 -16.19
CA ASN A 89 -22.57 -30.67 -16.35
C ASN A 89 -21.76 -31.97 -16.44
N ARG A 90 -20.46 -31.81 -16.73
CA ARG A 90 -19.50 -32.91 -16.91
C ARG A 90 -18.95 -33.49 -15.59
N TYR A 91 -19.30 -32.87 -14.46
CA TYR A 91 -18.75 -33.28 -13.17
C TYR A 91 -19.81 -34.00 -12.35
N PRO A 92 -19.39 -34.81 -11.35
CA PRO A 92 -20.37 -35.64 -10.62
C PRO A 92 -21.44 -34.88 -9.91
N ASN A 93 -22.62 -35.47 -9.78
CA ASN A 93 -23.67 -34.98 -8.90
C ASN A 93 -23.96 -35.94 -7.75
N GLN A 94 -23.07 -36.91 -7.56
CA GLN A 94 -23.17 -37.78 -6.38
C GLN A 94 -21.79 -38.31 -6.01
N VAL A 95 -21.63 -38.76 -4.77
CA VAL A 95 -20.29 -39.16 -4.32
C VAL A 95 -20.25 -40.63 -3.93
N TYR A 96 -19.07 -41.23 -4.09
CA TYR A 96 -18.83 -42.56 -3.55
C TYR A 96 -18.08 -42.41 -2.24
N TYR A 97 -18.31 -43.32 -1.31
CA TYR A 97 -17.56 -43.22 -0.09
C TYR A 97 -17.55 -44.46 0.78
N ARG A 98 -16.80 -44.39 1.88
CA ARG A 98 -16.76 -45.46 2.86
C ARG A 98 -17.52 -45.00 4.11
N PRO A 99 -18.18 -45.89 4.81
CA PRO A 99 -18.98 -45.56 6.00
C PRO A 99 -18.32 -44.62 6.99
N VAL A 100 -19.11 -43.68 7.48
CA VAL A 100 -18.65 -42.61 8.34
C VAL A 100 -17.99 -43.13 9.62
N ASP A 101 -18.44 -44.29 10.07
CA ASP A 101 -17.90 -44.88 11.28
C ASP A 101 -16.41 -45.12 11.19
N GLN A 102 -15.94 -45.25 9.96
CA GLN A 102 -14.56 -45.64 9.66
C GLN A 102 -13.51 -44.56 9.53
N TYR A 103 -13.85 -43.36 9.94
CA TYR A 103 -12.93 -42.25 9.83
C TYR A 103 -12.84 -41.51 11.15
N ASN A 104 -11.72 -40.86 11.39
CA ASN A 104 -11.51 -40.12 12.63
C ASN A 104 -12.08 -38.74 12.57
N ASN A 105 -11.70 -38.00 11.55
CA ASN A 105 -12.21 -36.66 11.38
C ASN A 105 -12.84 -36.45 10.05
N GLN A 106 -13.81 -35.55 10.01
CA GLN A 106 -14.50 -35.25 8.79
C GLN A 106 -13.49 -34.92 7.73
N ASN A 107 -12.31 -34.53 8.14
CA ASN A 107 -11.30 -34.16 7.18
C ASN A 107 -10.85 -35.29 6.31
N ASN A 108 -10.70 -36.45 6.91
CA ASN A 108 -10.24 -37.59 6.16
C ASN A 108 -11.34 -38.04 5.26
N PHE A 109 -12.48 -38.22 5.86
CA PHE A 109 -13.61 -38.69 5.09
C PHE A 109 -13.65 -37.93 3.81
N VAL A 110 -13.65 -36.60 3.92
CA VAL A 110 -13.78 -35.71 2.78
C VAL A 110 -12.67 -35.98 1.76
N HIS A 111 -11.42 -35.99 2.21
CA HIS A 111 -10.25 -36.23 1.34
C HIS A 111 -10.44 -37.51 0.51
N ASP A 112 -10.89 -38.58 1.19
CA ASP A 112 -11.06 -39.90 0.59
C ASP A 112 -12.24 -39.96 -0.38
N CYS A 113 -13.34 -39.42 0.10
CA CYS A 113 -14.52 -39.31 -0.71
C CYS A 113 -14.17 -38.65 -2.02
N VAL A 114 -13.37 -37.57 -1.94
CA VAL A 114 -12.98 -36.86 -3.15
C VAL A 114 -12.08 -37.62 -4.15
N ASN A 115 -10.93 -38.14 -3.70
CA ASN A 115 -10.08 -38.90 -4.67
C ASN A 115 -10.79 -40.10 -5.28
N ILE A 116 -11.45 -40.89 -4.44
CA ILE A 116 -12.16 -42.05 -4.99
C ILE A 116 -13.30 -41.67 -5.96
N THR A 117 -14.16 -40.72 -5.54
CA THR A 117 -15.25 -40.32 -6.41
C THR A 117 -14.69 -39.79 -7.72
N ILE A 118 -13.67 -38.96 -7.63
CA ILE A 118 -13.19 -38.42 -8.88
C ILE A 118 -12.51 -39.41 -9.80
N LYS A 119 -11.69 -40.26 -9.19
CA LYS A 119 -10.96 -41.26 -9.95
C LYS A 119 -12.00 -42.19 -10.67
N GLN A 120 -13.05 -42.67 -9.97
CA GLN A 120 -14.09 -43.54 -10.59
C GLN A 120 -14.86 -42.81 -11.70
N HIS A 121 -15.12 -41.53 -11.48
CA HIS A 121 -15.81 -40.73 -12.50
C HIS A 121 -14.90 -40.61 -13.69
N THR A 122 -13.60 -40.56 -13.42
CA THR A 122 -12.64 -40.40 -14.49
C THR A 122 -12.63 -41.71 -15.31
N VAL A 123 -12.71 -42.86 -14.65
CA VAL A 123 -12.73 -44.09 -15.45
C VAL A 123 -14.03 -44.19 -16.30
N THR A 124 -15.18 -43.80 -15.74
CA THR A 124 -16.40 -43.90 -16.54
C THR A 124 -16.46 -42.85 -17.66
N THR A 125 -15.91 -41.67 -17.42
CA THR A 125 -15.89 -40.66 -18.46
C THR A 125 -14.87 -40.97 -19.57
N THR A 126 -13.67 -41.40 -19.17
CA THR A 126 -12.62 -41.80 -20.13
C THR A 126 -13.01 -42.98 -21.03
N THR A 127 -13.65 -44.01 -20.46
CA THR A 127 -14.13 -45.13 -21.26
C THR A 127 -15.02 -44.58 -22.40
N LYS A 128 -15.74 -43.51 -22.09
CA LYS A 128 -16.66 -42.88 -23.04
C LYS A 128 -15.96 -41.94 -24.04
N GLY A 129 -14.64 -41.98 -24.03
CA GLY A 129 -13.86 -41.20 -24.99
C GLY A 129 -13.47 -39.73 -24.80
N GLU A 130 -13.95 -39.08 -23.75
CA GLU A 130 -13.58 -37.67 -23.56
C GLU A 130 -12.66 -37.54 -22.36
N ASN A 131 -11.85 -36.47 -22.33
CA ASN A 131 -10.88 -36.27 -21.26
C ASN A 131 -10.91 -34.96 -20.49
N PHE A 132 -10.57 -35.06 -19.21
CA PHE A 132 -10.46 -33.97 -18.29
C PHE A 132 -9.07 -33.44 -18.24
N THR A 133 -9.03 -32.14 -18.36
CA THR A 133 -7.83 -31.36 -18.27
C THR A 133 -7.57 -31.10 -16.79
N GLU A 134 -6.43 -30.44 -16.52
CA GLU A 134 -5.99 -30.07 -15.18
C GLU A 134 -6.96 -29.07 -14.53
N THR A 135 -7.58 -28.22 -15.36
CA THR A 135 -8.57 -27.28 -14.88
C THR A 135 -9.80 -28.04 -14.41
N ASP A 136 -10.21 -29.01 -15.21
CA ASP A 136 -11.34 -29.88 -14.87
C ASP A 136 -11.10 -30.54 -13.52
N ILE A 137 -9.89 -31.08 -13.35
CA ILE A 137 -9.50 -31.76 -12.12
C ILE A 137 -9.54 -30.78 -10.93
N LYS A 138 -9.02 -29.56 -11.12
CA LYS A 138 -9.06 -28.55 -10.08
C LYS A 138 -10.44 -28.12 -9.55
N ILE A 139 -11.32 -27.90 -10.51
CA ILE A 139 -12.65 -27.44 -10.21
C ILE A 139 -13.41 -28.57 -9.58
N MET A 140 -13.24 -29.73 -10.18
CA MET A 140 -13.88 -30.96 -9.73
C MET A 140 -13.42 -31.18 -8.29
N GLU A 141 -12.14 -30.95 -8.01
CA GLU A 141 -11.67 -31.08 -6.64
C GLU A 141 -12.49 -30.21 -5.71
N ARG A 142 -12.69 -28.94 -6.06
CA ARG A 142 -13.45 -28.09 -5.13
C ARG A 142 -14.91 -28.49 -4.91
N VAL A 143 -15.62 -28.71 -6.01
CA VAL A 143 -17.06 -28.99 -5.91
C VAL A 143 -17.38 -30.37 -5.35
N VAL A 144 -16.55 -31.36 -5.69
CA VAL A 144 -16.71 -32.67 -5.09
C VAL A 144 -16.36 -32.51 -3.59
N GLU A 145 -15.39 -31.66 -3.24
CA GLU A 145 -15.13 -31.48 -1.81
C GLU A 145 -16.34 -30.95 -1.04
N GLN A 146 -16.97 -29.88 -1.56
CA GLN A 146 -18.23 -29.41 -0.96
C GLN A 146 -19.31 -30.52 -0.88
N MET A 147 -19.48 -31.26 -1.96
CA MET A 147 -20.51 -32.32 -1.94
C MET A 147 -20.25 -33.44 -0.93
N CYS A 148 -18.96 -33.83 -0.80
CA CYS A 148 -18.54 -34.84 0.16
C CYS A 148 -18.78 -34.28 1.55
N THR A 149 -18.54 -32.99 1.70
CA THR A 149 -18.79 -32.32 2.98
C THR A 149 -20.26 -32.35 3.41
N THR A 150 -21.14 -32.03 2.46
CA THR A 150 -22.56 -32.08 2.72
C THR A 150 -22.88 -33.53 3.08
N GLN A 151 -22.30 -34.48 2.34
CA GLN A 151 -22.58 -35.90 2.60
C GLN A 151 -22.15 -36.31 4.01
N TYR A 152 -20.97 -35.88 4.46
CA TYR A 152 -20.51 -36.21 5.81
C TYR A 152 -21.48 -35.64 6.84
N GLN A 153 -21.81 -34.37 6.64
CA GLN A 153 -22.75 -33.69 7.52
C GLN A 153 -24.04 -34.48 7.59
N LYS A 154 -24.52 -34.95 6.45
CA LYS A 154 -25.76 -35.71 6.42
C LYS A 154 -25.71 -37.09 7.05
N GLU A 155 -24.72 -37.89 6.68
CA GLU A 155 -24.56 -39.20 7.28
C GLU A 155 -24.26 -39.14 8.80
N SER A 156 -23.36 -38.28 9.26
CA SER A 156 -23.07 -38.21 10.68
C SER A 156 -24.27 -37.83 11.55
N GLN A 157 -25.10 -36.85 11.17
CA GLN A 157 -26.32 -36.51 11.96
C GLN A 157 -27.34 -37.67 11.99
N ALA A 158 -26.86 -38.89 11.83
CA ALA A 158 -27.68 -40.09 12.05
C ALA A 158 -28.10 -40.32 13.51
N TYR A 159 -28.78 -39.33 14.10
CA TYR A 159 -29.28 -39.43 15.47
C TYR A 159 -30.48 -38.52 15.71
N GLN B 1 -25.36 -0.02 4.55
CA GLN B 1 -24.10 0.49 4.01
C GLN B 1 -23.00 -0.52 4.33
N VAL B 2 -22.28 -0.95 3.29
CA VAL B 2 -21.15 -1.86 3.44
C VAL B 2 -20.03 -1.17 4.14
N GLN B 3 -19.51 -1.78 5.19
CA GLN B 3 -18.27 -1.32 5.82
C GLN B 3 -17.27 -2.46 5.99
N LEU B 4 -15.98 -2.12 5.88
CA LEU B 4 -14.87 -3.03 6.11
C LEU B 4 -13.89 -2.41 7.12
N GLN B 5 -13.81 -2.96 8.33
CA GLN B 5 -13.00 -2.40 9.44
C GLN B 5 -11.72 -3.15 9.61
N GLN B 6 -10.59 -2.46 9.50
CA GLN B 6 -9.28 -3.14 9.68
C GLN B 6 -8.31 -2.77 10.79
N SER B 7 -8.38 -1.54 11.28
CA SER B 7 -7.63 -1.04 12.43
C SER B 7 -6.38 -0.47 11.78
N GLY B 8 -5.94 0.66 12.31
CA GLY B 8 -4.83 1.36 11.72
C GLY B 8 -3.43 0.83 11.64
N THR B 9 -2.92 0.30 12.75
CA THR B 9 -1.52 -0.05 12.79
C THR B 9 -1.19 -1.30 13.56
N GLU B 10 -0.03 -1.89 13.26
CA GLU B 10 0.52 -2.97 14.06
C GLU B 10 2.04 -2.75 14.10
N LEU B 11 2.59 -2.78 15.29
CA LEU B 11 4.01 -2.75 15.42
C LEU B 11 4.43 -4.17 15.75
N VAL B 12 5.32 -4.73 14.94
CA VAL B 12 5.65 -6.14 15.06
C VAL B 12 7.18 -6.36 15.10
N MET B 13 7.60 -7.32 15.93
CA MET B 13 9.01 -7.64 16.05
C MET B 13 9.40 -8.52 14.87
N PRO B 14 10.63 -8.35 14.37
CA PRO B 14 11.10 -9.26 13.30
C PRO B 14 11.02 -10.74 13.64
N GLY B 15 10.52 -11.54 12.68
CA GLY B 15 10.43 -12.97 12.92
C GLY B 15 9.09 -13.37 13.51
N ALA B 16 8.36 -12.40 14.02
CA ALA B 16 7.09 -12.77 14.62
C ALA B 16 6.04 -12.84 13.52
N SER B 17 4.83 -13.26 13.85
CA SER B 17 3.78 -13.26 12.87
C SER B 17 2.75 -12.23 13.31
N VAL B 18 1.92 -11.82 12.39
CA VAL B 18 0.80 -10.95 12.72
C VAL B 18 -0.44 -11.45 11.99
N LYS B 19 -1.57 -11.31 12.67
CA LYS B 19 -2.86 -11.68 12.09
C LYS B 19 -3.77 -10.50 12.00
N MET B 20 -4.05 -10.09 10.77
CA MET B 20 -4.82 -8.89 10.49
C MET B 20 -6.29 -9.22 10.22
N SER B 21 -7.17 -8.40 10.77
CA SER B 21 -8.57 -8.63 10.62
C SER B 21 -9.17 -7.62 9.67
N CYS B 22 -10.27 -8.03 9.09
CA CYS B 22 -11.04 -7.20 8.21
C CYS B 22 -12.47 -7.57 8.57
N LYS B 23 -13.13 -6.75 9.34
CA LYS B 23 -14.48 -7.15 9.81
C LYS B 23 -15.52 -6.50 8.91
N ALA B 24 -16.37 -7.34 8.31
CA ALA B 24 -17.30 -6.85 7.31
C ALA B 24 -18.66 -6.58 7.91
N SER B 25 -19.39 -5.59 7.38
CA SER B 25 -20.77 -5.39 7.83
C SER B 25 -21.60 -4.79 6.71
N GLY B 26 -22.93 -4.93 6.80
CA GLY B 26 -23.76 -4.21 5.86
C GLY B 26 -24.10 -5.00 4.62
N TYR B 27 -23.79 -6.30 4.62
CA TYR B 27 -24.13 -7.15 3.49
C TYR B 27 -24.06 -8.63 3.88
N THR B 28 -24.51 -9.47 2.95
CA THR B 28 -24.51 -10.91 3.18
C THR B 28 -23.08 -11.44 3.00
N PHE B 29 -22.45 -11.82 4.11
CA PHE B 29 -21.02 -12.11 4.14
C PHE B 29 -20.49 -13.13 3.14
N THR B 30 -21.19 -14.25 2.99
CA THR B 30 -20.69 -15.34 2.19
C THR B 30 -20.88 -15.14 0.68
N ASP B 31 -21.54 -14.05 0.30
CA ASP B 31 -21.90 -13.86 -1.11
C ASP B 31 -20.83 -13.27 -1.97
N TYR B 32 -19.76 -12.82 -1.32
CA TYR B 32 -18.73 -12.10 -2.06
C TYR B 32 -17.34 -12.54 -1.73
N TRP B 33 -16.50 -12.66 -2.75
CA TRP B 33 -15.08 -12.85 -2.48
C TRP B 33 -14.36 -11.68 -1.76
N MET B 34 -13.40 -12.01 -0.91
CA MET B 34 -12.58 -10.96 -0.27
C MET B 34 -11.09 -11.01 -0.70
N HIS B 35 -10.45 -9.85 -0.73
CA HIS B 35 -9.15 -9.73 -1.34
C HIS B 35 -8.17 -8.97 -0.45
N TRP B 36 -6.90 -9.28 -0.59
CA TRP B 36 -5.82 -8.61 0.16
C TRP B 36 -4.75 -8.04 -0.72
N VAL B 37 -4.39 -6.77 -0.47
CA VAL B 37 -3.50 -6.05 -1.37
C VAL B 37 -2.40 -5.37 -0.56
N LYS B 38 -1.16 -5.53 -1.00
CA LYS B 38 -0.03 -4.94 -0.28
C LYS B 38 0.37 -3.67 -1.01
N GLN B 39 0.77 -2.66 -0.24
CA GLN B 39 1.38 -1.45 -0.82
C GLN B 39 2.54 -0.93 0.02
N ARG B 40 3.74 -1.03 -0.53
CA ARG B 40 4.96 -0.47 0.09
C ARG B 40 4.99 1.08 -0.04
N PRO B 41 5.61 1.78 0.90
CA PRO B 41 5.63 3.28 0.91
C PRO B 41 6.07 3.93 -0.41
N GLY B 42 5.27 4.86 -0.94
CA GLY B 42 5.56 5.53 -2.20
C GLY B 42 5.49 4.68 -3.44
N GLN B 43 5.10 3.41 -3.27
CA GLN B 43 5.00 2.45 -4.37
C GLN B 43 3.58 2.03 -4.71
N GLY B 44 3.49 1.10 -5.67
CA GLY B 44 2.22 0.65 -6.19
C GLY B 44 1.56 -0.49 -5.45
N LEU B 45 0.43 -0.92 -6.02
CA LEU B 45 -0.35 -2.02 -5.49
C LEU B 45 0.11 -3.40 -5.94
N GLU B 46 0.11 -4.33 -5.00
CA GLU B 46 0.43 -5.71 -5.31
C GLU B 46 -0.63 -6.70 -4.81
N TRP B 47 -1.12 -7.58 -5.67
CA TRP B 47 -2.11 -8.53 -5.17
C TRP B 47 -1.42 -9.60 -4.31
N ILE B 48 -1.96 -9.85 -3.11
CA ILE B 48 -1.43 -10.91 -2.27
C ILE B 48 -2.18 -12.24 -2.42
N GLY B 49 -3.50 -12.19 -2.34
CA GLY B 49 -4.33 -13.38 -2.39
C GLY B 49 -5.76 -13.04 -2.05
N SER B 50 -6.62 -14.00 -2.37
CA SER B 50 -8.06 -13.79 -2.25
C SER B 50 -8.74 -15.03 -1.74
N ILE B 51 -9.91 -14.83 -1.15
CA ILE B 51 -10.62 -15.94 -0.58
C ILE B 51 -12.14 -15.93 -0.78
N ASP B 52 -12.71 -17.11 -1.03
CA ASP B 52 -14.15 -17.30 -1.06
C ASP B 52 -14.61 -17.81 0.32
N PRO B 53 -15.31 -16.96 1.06
CA PRO B 53 -15.84 -17.18 2.42
C PRO B 53 -16.88 -18.29 2.53
N SER B 54 -17.49 -18.64 1.39
CA SER B 54 -18.53 -19.66 1.35
C SER B 54 -17.95 -20.99 1.79
N ASP B 55 -16.77 -21.25 1.29
CA ASP B 55 -16.06 -22.47 1.57
C ASP B 55 -14.57 -22.33 1.94
N SER B 56 -14.11 -21.10 2.13
CA SER B 56 -12.71 -20.82 2.50
C SER B 56 -11.79 -21.27 1.40
N TYR B 57 -12.33 -21.39 0.20
CA TYR B 57 -11.43 -21.58 -0.92
C TYR B 57 -10.45 -20.38 -1.13
N THR B 58 -9.17 -20.61 -1.44
CA THR B 58 -8.26 -19.47 -1.57
C THR B 58 -7.47 -19.48 -2.90
N SER B 59 -6.96 -18.31 -3.28
CA SER B 59 -6.03 -18.21 -4.40
C SER B 59 -4.91 -17.29 -3.99
N HIS B 60 -3.67 -17.60 -4.35
CA HIS B 60 -2.57 -16.74 -3.93
C HIS B 60 -1.68 -16.28 -5.05
N ASN B 61 -1.16 -15.07 -4.92
CA ASN B 61 0.04 -14.72 -5.67
C ASN B 61 1.09 -15.75 -5.21
N GLU B 62 1.71 -16.41 -6.19
CA GLU B 62 2.66 -17.50 -5.96
C GLU B 62 3.69 -17.14 -4.93
N LYS B 63 4.09 -15.89 -4.96
CA LYS B 63 5.13 -15.42 -4.11
C LYS B 63 4.66 -15.30 -2.66
N PHE B 64 3.33 -15.42 -2.43
CA PHE B 64 2.79 -15.31 -1.07
C PHE B 64 2.32 -16.62 -0.47
N LYS B 65 2.42 -17.65 -1.26
CA LYS B 65 2.00 -18.94 -0.80
C LYS B 65 3.03 -19.47 0.17
N GLY B 66 2.63 -19.53 1.43
CA GLY B 66 3.53 -19.89 2.52
C GLY B 66 3.85 -18.74 3.42
N LYS B 67 3.50 -17.55 2.99
CA LYS B 67 3.77 -16.35 3.72
C LYS B 67 2.41 -15.79 4.19
N ALA B 68 1.39 -15.82 3.32
CA ALA B 68 0.13 -15.24 3.74
C ALA B 68 -0.90 -16.36 3.84
N THR B 69 -1.46 -16.48 5.04
CA THR B 69 -2.45 -17.50 5.33
C THR B 69 -3.82 -16.80 5.49
N LEU B 70 -4.78 -17.17 4.64
CA LEU B 70 -6.10 -16.50 4.64
C LEU B 70 -7.17 -17.36 5.26
N THR B 71 -7.94 -16.76 6.14
CA THR B 71 -9.05 -17.46 6.74
C THR B 71 -10.27 -16.53 6.88
N VAL B 72 -11.41 -17.14 7.24
CA VAL B 72 -12.59 -16.37 7.66
C VAL B 72 -13.20 -16.97 8.92
N ASP B 73 -13.98 -16.16 9.62
CA ASP B 73 -14.89 -16.59 10.68
C ASP B 73 -16.28 -16.13 10.26
N GLU B 74 -17.06 -17.10 9.75
CA GLU B 74 -18.34 -16.76 9.11
C GLU B 74 -19.24 -16.15 10.15
N SER B 75 -19.10 -16.64 11.38
CA SER B 75 -19.97 -16.24 12.46
C SER B 75 -19.82 -14.79 12.82
N SER B 76 -18.61 -14.27 12.73
CA SER B 76 -18.36 -12.86 13.00
C SER B 76 -18.19 -12.03 11.74
N SER B 77 -18.51 -12.62 10.58
CA SER B 77 -18.34 -11.93 9.31
C SER B 77 -16.96 -11.28 9.26
N THR B 78 -15.92 -12.06 9.56
CA THR B 78 -14.56 -11.49 9.62
C THR B 78 -13.55 -12.21 8.78
N ALA B 79 -12.73 -11.44 8.04
CA ALA B 79 -11.65 -12.08 7.26
C ALA B 79 -10.32 -11.83 7.97
N TYR B 80 -9.45 -12.81 7.96
CA TYR B 80 -8.14 -12.68 8.56
C TYR B 80 -7.03 -13.03 7.58
N MET B 81 -5.91 -12.31 7.69
CA MET B 81 -4.64 -12.67 7.04
C MET B 81 -3.52 -12.74 8.02
N GLN B 82 -2.89 -13.89 8.11
CA GLN B 82 -1.75 -14.03 8.94
C GLN B 82 -0.49 -14.02 8.09
N LEU B 83 0.41 -13.09 8.43
CA LEU B 83 1.70 -13.02 7.79
C LEU B 83 2.73 -13.52 8.77
N SER B 84 3.62 -14.38 8.30
CA SER B 84 4.59 -15.01 9.18
C SER B 84 6.03 -14.60 8.88
N SER B 85 6.92 -14.81 9.87
CA SER B 85 8.36 -14.54 9.74
C SER B 85 8.67 -13.18 9.20
N LEU B 86 8.23 -12.14 9.87
CA LEU B 86 8.31 -10.81 9.27
C LEU B 86 9.69 -10.16 9.14
N THR B 87 9.88 -9.47 8.02
CA THR B 87 11.06 -8.66 7.84
C THR B 87 10.64 -7.27 7.44
N SER B 88 11.64 -6.41 7.29
CA SER B 88 11.37 -5.06 6.88
C SER B 88 10.71 -4.99 5.51
N GLU B 89 10.87 -6.04 4.71
CA GLU B 89 10.20 -6.11 3.40
C GLU B 89 8.70 -6.21 3.50
N ASP B 90 8.24 -6.63 4.68
CA ASP B 90 6.83 -6.79 4.95
C ASP B 90 6.21 -5.51 5.54
N SER B 91 7.02 -4.50 5.89
CA SER B 91 6.50 -3.16 6.34
C SER B 91 5.74 -2.48 5.21
N ALA B 92 4.43 -2.34 5.38
CA ALA B 92 3.62 -1.83 4.29
C ALA B 92 2.23 -1.61 4.78
N VAL B 93 1.39 -1.04 3.92
CA VAL B 93 -0.07 -1.03 4.23
C VAL B 93 -0.72 -2.23 3.53
N TYR B 94 -1.58 -2.93 4.28
CA TYR B 94 -2.32 -4.10 3.72
C TYR B 94 -3.80 -3.74 3.70
N PHE B 95 -4.39 -3.69 2.52
CA PHE B 95 -5.82 -3.43 2.40
C PHE B 95 -6.63 -4.73 2.24
N CYS B 96 -7.81 -4.82 2.84
CA CYS B 96 -8.76 -5.81 2.37
C CYS B 96 -9.77 -5.08 1.53
N SER B 97 -10.41 -5.83 0.63
CA SER B 97 -11.38 -5.31 -0.35
C SER B 97 -12.39 -6.37 -0.73
N ARG B 98 -13.52 -5.92 -1.27
CA ARG B 98 -14.60 -6.85 -1.62
C ARG B 98 -15.06 -6.67 -3.06
N SER B 99 -15.17 -7.78 -3.77
CA SER B 99 -15.62 -7.71 -5.14
C SER B 99 -17.16 -7.79 -5.33
N GLY B 100 -17.62 -7.94 -6.57
CA GLY B 100 -19.06 -7.95 -6.82
C GLY B 100 -19.58 -9.36 -6.78
N TYR B 101 -20.82 -9.59 -7.22
CA TYR B 101 -21.41 -10.94 -7.20
C TYR B 101 -21.17 -11.60 -8.55
N GLY B 102 -20.15 -12.47 -8.64
CA GLY B 102 -19.79 -13.10 -9.90
C GLY B 102 -19.10 -12.06 -10.75
N TYR B 103 -18.75 -10.96 -10.13
CA TYR B 103 -17.98 -9.97 -10.86
C TYR B 103 -16.81 -9.55 -9.98
N TYR B 104 -15.68 -9.23 -10.58
CA TYR B 104 -14.47 -9.13 -9.72
C TYR B 104 -13.73 -7.83 -9.71
N ALA B 105 -14.43 -6.74 -9.93
CA ALA B 105 -13.95 -5.43 -9.54
C ALA B 105 -14.07 -5.33 -8.03
N MET B 106 -13.09 -4.69 -7.41
CA MET B 106 -13.10 -4.50 -5.97
C MET B 106 -13.94 -3.26 -5.58
N GLU B 107 -15.19 -3.52 -5.17
CA GLU B 107 -16.23 -2.49 -4.98
C GLU B 107 -16.02 -1.74 -3.70
N TYR B 108 -15.64 -2.47 -2.66
CA TYR B 108 -15.41 -1.86 -1.37
C TYR B 108 -14.03 -2.20 -0.86
N TRP B 109 -13.43 -1.21 -0.22
CA TRP B 109 -12.08 -1.22 0.34
C TRP B 109 -12.04 -0.90 1.81
N GLY B 110 -11.23 -1.64 2.54
CA GLY B 110 -10.91 -1.28 3.92
C GLY B 110 -10.05 -0.02 3.99
N GLN B 111 -9.87 0.50 5.20
CA GLN B 111 -9.08 1.71 5.39
C GLN B 111 -7.58 1.44 5.42
N GLY B 112 -7.24 0.15 5.48
CA GLY B 112 -5.87 -0.30 5.45
C GLY B 112 -5.21 -0.45 6.82
N THR B 113 -4.48 -1.53 6.99
CA THR B 113 -3.73 -1.72 8.20
C THR B 113 -2.24 -1.49 7.93
N SER B 114 -1.72 -0.48 8.60
CA SER B 114 -0.31 -0.17 8.42
C SER B 114 0.59 -1.00 9.34
N VAL B 115 1.38 -1.89 8.75
CA VAL B 115 2.27 -2.73 9.54
C VAL B 115 3.69 -2.19 9.48
N THR B 116 4.26 -2.00 10.67
CA THR B 116 5.66 -1.62 10.89
C THR B 116 6.48 -2.68 11.61
N VAL B 117 7.54 -3.14 10.93
CA VAL B 117 8.44 -4.14 11.48
C VAL B 117 9.72 -3.55 12.06
N SER B 118 9.87 -3.70 13.39
CA SER B 118 10.98 -3.11 14.15
C SER B 118 11.18 -3.84 15.52
N SER B 119 12.44 -3.91 15.97
CA SER B 119 12.82 -4.43 17.30
C SER B 119 13.03 -3.35 18.35
N ALA B 120 12.85 -2.10 17.93
CA ALA B 120 13.02 -0.95 18.78
C ALA B 120 12.00 -0.91 19.94
N LYS B 121 12.41 -0.35 21.08
CA LYS B 121 11.53 -0.13 22.24
C LYS B 121 10.99 1.28 22.16
N THR B 122 9.90 1.58 22.87
CA THR B 122 9.35 2.92 22.84
C THR B 122 10.49 3.87 23.24
N ALA B 123 10.77 4.83 22.37
CA ALA B 123 11.89 5.70 22.60
C ALA B 123 11.51 7.13 22.27
N PRO B 124 11.60 8.00 23.26
CA PRO B 124 11.25 9.40 23.03
C PRO B 124 12.25 10.06 22.10
N PRO B 125 11.82 11.07 21.33
CA PRO B 125 12.73 11.71 20.39
C PRO B 125 13.66 12.63 21.12
N SER B 126 14.86 12.81 20.61
CA SER B 126 15.64 13.93 21.09
C SER B 126 15.29 15.06 20.13
N VAL B 127 15.00 16.22 20.70
CA VAL B 127 14.57 17.33 19.89
C VAL B 127 15.60 18.46 19.96
N TYR B 128 16.15 18.73 18.77
CA TYR B 128 17.20 19.69 18.62
C TYR B 128 16.70 20.86 17.79
N PRO B 129 16.97 22.08 18.26
CA PRO B 129 16.60 23.35 17.60
C PRO B 129 17.49 23.63 16.40
N LEU B 130 16.88 24.03 15.30
CA LEU B 130 17.68 24.45 14.16
C LEU B 130 17.55 25.96 13.98
N ALA B 131 18.57 26.66 14.47
CA ALA B 131 18.69 28.11 14.43
C ALA B 131 19.89 28.49 13.56
N PRO B 132 19.76 29.56 12.77
CA PRO B 132 20.88 29.99 11.93
C PRO B 132 21.90 30.94 12.58
N GLY B 133 22.96 31.23 11.82
CA GLY B 133 24.03 32.09 12.25
C GLY B 133 24.48 33.12 11.22
N GLY B 134 24.02 34.37 11.35
CA GLY B 134 24.49 35.48 10.51
C GLY B 134 24.16 35.78 9.05
N GLY B 135 23.47 36.90 8.89
CA GLY B 135 23.01 37.47 7.62
C GLY B 135 21.86 36.76 6.93
N ALA B 136 20.66 37.34 7.08
CA ALA B 136 19.41 36.80 6.52
C ALA B 136 18.46 37.91 6.04
N THR B 137 18.47 38.15 4.75
CA THR B 137 17.60 39.13 4.10
C THR B 137 16.44 38.32 3.51
N ASN B 138 15.85 38.96 2.48
CA ASN B 138 14.62 38.56 1.74
C ASN B 138 13.39 38.66 2.67
N SER B 139 13.57 39.44 3.73
CA SER B 139 12.51 39.79 4.69
C SER B 139 11.82 38.66 5.40
N MET B 140 12.18 37.47 4.98
CA MET B 140 11.79 36.24 5.58
C MET B 140 13.04 35.56 6.09
N VAL B 141 12.86 34.76 7.12
CA VAL B 141 13.94 33.97 7.71
C VAL B 141 13.35 32.58 7.97
N THR B 142 14.19 31.55 7.82
CA THR B 142 13.76 30.16 8.03
C THR B 142 14.38 29.54 9.26
N LEU B 143 13.52 29.01 10.12
CA LEU B 143 13.96 28.29 11.30
C LEU B 143 13.51 26.86 11.08
N GLY B 144 13.98 25.95 11.90
CA GLY B 144 13.58 24.57 11.71
C GLY B 144 13.65 23.85 13.02
N CYS B 145 13.05 22.68 13.05
CA CYS B 145 13.21 21.87 14.24
C CYS B 145 13.55 20.45 13.79
N LEU B 146 14.60 19.88 14.40
CA LEU B 146 15.01 18.51 14.11
C LEU B 146 14.61 17.51 15.20
N VAL B 147 13.81 16.52 14.82
CA VAL B 147 13.33 15.52 15.77
C VAL B 147 13.95 14.15 15.49
N LYS B 148 14.98 13.75 16.21
CA LYS B 148 15.73 12.60 15.70
C LYS B 148 15.68 11.46 16.71
N GLY B 149 15.47 10.26 16.18
CA GLY B 149 15.65 9.03 16.94
C GLY B 149 14.53 8.63 17.89
N TYR B 150 13.29 8.80 17.43
CA TYR B 150 12.15 8.41 18.26
C TYR B 150 11.51 7.18 17.63
N PHE B 151 10.64 6.57 18.43
CA PHE B 151 9.87 5.42 18.01
C PHE B 151 8.74 5.11 19.00
N PRO B 152 7.56 4.75 18.50
CA PRO B 152 7.21 4.67 17.08
C PRO B 152 6.65 5.98 16.58
N GLU B 153 6.10 5.98 15.39
CA GLU B 153 5.28 7.11 14.94
C GLU B 153 3.92 6.98 15.66
N PRO B 154 3.17 8.08 15.80
CA PRO B 154 3.64 9.36 15.29
C PRO B 154 4.12 10.29 16.39
N VAL B 155 4.71 11.39 15.96
CA VAL B 155 4.86 12.52 16.81
C VAL B 155 3.93 13.57 16.26
N THR B 156 3.58 14.54 17.09
CA THR B 156 2.84 15.68 16.60
C THR B 156 3.73 16.87 16.82
N VAL B 157 3.90 17.63 15.75
CA VAL B 157 4.72 18.81 15.82
C VAL B 157 3.88 20.06 15.57
N THR B 158 3.96 21.00 16.51
CA THR B 158 3.40 22.33 16.27
C THR B 158 4.41 23.46 16.50
N TRP B 159 4.03 24.67 16.09
CA TRP B 159 4.86 25.86 16.32
C TRP B 159 4.07 26.92 17.05
N ASN B 160 4.66 27.36 18.15
CA ASN B 160 4.08 28.33 19.09
C ASN B 160 2.65 27.87 19.40
N SER B 161 2.55 26.60 19.83
CA SER B 161 1.27 26.00 20.20
C SER B 161 0.20 26.03 19.09
N GLY B 162 0.62 25.97 17.82
CA GLY B 162 -0.34 25.96 16.74
C GLY B 162 -0.80 27.26 16.11
N SER B 163 -0.28 28.40 16.55
CA SER B 163 -0.70 29.66 15.91
C SER B 163 0.02 29.82 14.57
N LEU B 164 1.15 29.12 14.40
CA LEU B 164 1.84 29.05 13.12
C LEU B 164 1.55 27.87 12.25
N SER B 165 0.86 28.17 11.14
CA SER B 165 0.38 27.19 10.22
C SER B 165 0.45 27.79 8.80
N GLY B 166 1.28 28.84 8.63
CA GLY B 166 1.32 29.53 7.35
C GLY B 166 2.48 29.14 6.46
N GLY B 167 3.70 29.15 6.98
CA GLY B 167 4.84 28.89 6.11
C GLY B 167 5.64 27.72 6.68
N VAL B 168 4.91 26.67 7.04
CA VAL B 168 5.49 25.47 7.63
C VAL B 168 5.53 24.31 6.65
N HIS B 169 6.66 23.61 6.56
CA HIS B 169 6.76 22.34 5.83
C HIS B 169 7.26 21.23 6.75
N THR B 170 6.38 20.32 7.14
CA THR B 170 6.75 19.14 7.93
C THR B 170 6.85 17.87 7.10
N PHE B 171 8.04 17.29 7.08
CA PHE B 171 8.37 16.17 6.19
C PHE B 171 8.04 14.81 6.81
N PRO B 172 7.74 13.82 5.95
CA PRO B 172 7.48 12.44 6.39
C PRO B 172 8.63 11.84 7.19
N ALA B 173 8.32 11.07 8.24
CA ALA B 173 9.37 10.43 9.03
C ALA B 173 10.16 9.39 8.23
N VAL B 174 11.45 9.22 8.55
CA VAL B 174 12.24 8.18 7.89
C VAL B 174 12.95 7.22 8.85
N LEU B 175 13.22 5.99 8.38
CA LEU B 175 13.93 5.00 9.18
C LEU B 175 15.45 5.14 9.05
N GLN B 176 16.07 5.40 10.20
CA GLN B 176 17.49 5.62 10.33
C GLN B 176 18.04 4.83 11.49
N SER B 177 18.74 3.74 11.20
CA SER B 177 19.26 2.85 12.24
C SER B 177 18.16 2.43 13.18
N ASP B 178 17.14 1.80 12.62
CA ASP B 178 16.02 1.26 13.37
C ASP B 178 15.22 2.31 14.13
N LEU B 179 15.45 3.60 13.86
CA LEU B 179 14.64 4.64 14.52
C LEU B 179 14.13 5.72 13.59
N TYR B 180 13.15 6.50 14.02
CA TYR B 180 12.61 7.51 13.13
C TYR B 180 13.25 8.86 13.36
N THR B 181 13.37 9.58 12.26
CA THR B 181 13.90 10.93 12.29
C THR B 181 13.07 11.77 11.33
N LEU B 182 12.79 13.00 11.78
CA LEU B 182 12.18 14.02 10.94
C LEU B 182 12.73 15.39 11.19
N SER B 183 12.29 16.25 10.30
CA SER B 183 12.62 17.64 10.31
C SER B 183 11.33 18.39 10.03
N SER B 184 11.32 19.66 10.42
CA SER B 184 10.21 20.57 10.18
C SER B 184 10.84 21.90 9.78
N SER B 185 10.34 22.49 8.71
CA SER B 185 10.77 23.83 8.36
C SER B 185 9.70 24.87 8.70
N VAL B 186 10.13 26.08 9.02
CA VAL B 186 9.23 27.21 9.16
C VAL B 186 9.78 28.49 8.55
N THR B 187 8.98 29.20 7.77
CA THR B 187 9.43 30.46 7.16
C THR B 187 8.61 31.61 7.82
N VAL B 188 9.29 32.64 8.33
CA VAL B 188 8.64 33.74 9.08
C VAL B 188 9.20 35.14 8.75
N PRO B 189 8.45 36.22 9.09
CA PRO B 189 8.99 37.58 8.93
C PRO B 189 10.20 37.83 9.88
N SER B 190 11.23 38.55 9.42
CA SER B 190 12.41 38.82 10.27
C SER B 190 12.00 39.67 11.49
N SER B 191 10.87 40.35 11.34
CA SER B 191 10.28 41.13 12.43
C SER B 191 9.81 40.30 13.62
N THR B 192 9.58 39.01 13.37
CA THR B 192 9.05 38.16 14.44
C THR B 192 10.17 37.39 15.11
N TRP B 193 11.32 37.24 14.44
CA TRP B 193 12.43 36.56 15.09
C TRP B 193 13.73 37.23 14.62
N PRO B 194 14.64 37.53 15.56
CA PRO B 194 14.43 37.10 16.95
C PRO B 194 13.72 38.21 17.80
N SER B 195 13.09 39.17 17.11
CA SER B 195 12.43 40.29 17.78
C SER B 195 11.31 39.83 18.73
N GLU B 196 10.54 38.81 18.31
CA GLU B 196 9.68 38.06 19.23
C GLU B 196 9.94 36.50 19.21
N THR B 197 9.26 35.76 20.08
CA THR B 197 9.63 34.35 20.39
C THR B 197 9.20 33.31 19.31
N VAL B 198 10.09 32.37 18.97
CA VAL B 198 9.71 31.20 18.16
C VAL B 198 9.97 29.85 18.88
N THR B 199 8.89 29.10 19.07
CA THR B 199 8.90 27.85 19.85
C THR B 199 8.32 26.58 19.18
N CYS B 200 8.99 25.45 19.37
CA CYS B 200 8.44 24.16 18.91
C CYS B 200 7.77 23.33 19.97
N ASN B 201 6.59 22.80 19.66
CA ASN B 201 5.92 22.00 20.66
C ASN B 201 5.93 20.57 20.09
N VAL B 202 6.54 19.63 20.80
CA VAL B 202 6.67 18.25 20.29
C VAL B 202 6.00 17.21 21.18
N ALA B 203 4.97 16.54 20.67
CA ALA B 203 4.36 15.49 21.46
C ALA B 203 4.72 14.10 20.94
N HIS B 204 5.19 13.26 21.85
CA HIS B 204 5.38 11.84 21.59
C HIS B 204 4.62 11.01 22.63
N PRO B 205 3.35 10.74 22.33
CA PRO B 205 2.36 10.05 23.16
C PRO B 205 2.81 8.70 23.74
N ALA B 206 3.54 7.91 22.97
CA ALA B 206 3.91 6.56 23.39
C ALA B 206 4.86 6.44 24.58
N SER B 207 5.75 7.41 24.76
CA SER B 207 6.67 7.39 25.90
C SER B 207 6.16 8.38 26.96
N SER B 208 4.93 8.87 26.75
CA SER B 208 4.33 9.92 27.58
C SER B 208 5.31 11.08 27.67
N THR B 209 5.79 11.47 26.49
CA THR B 209 6.80 12.53 26.36
C THR B 209 6.14 13.75 25.74
N LYS B 210 6.48 14.91 26.27
CA LYS B 210 5.95 16.18 25.80
C LYS B 210 6.95 17.33 26.01
N VAL B 211 7.54 17.84 24.93
CA VAL B 211 8.57 18.85 25.13
C VAL B 211 8.39 20.15 24.33
N ASP B 212 8.61 21.29 24.97
CA ASP B 212 8.65 22.55 24.21
C ASP B 212 10.11 22.98 24.09
N LYS B 213 10.51 23.38 22.89
CA LYS B 213 11.82 23.96 22.62
C LYS B 213 11.86 25.29 21.87
N LYS B 214 12.22 26.35 22.61
CA LYS B 214 12.37 27.70 22.07
C LYS B 214 13.63 27.80 21.22
N ILE B 215 13.49 28.38 20.03
CA ILE B 215 14.65 28.56 19.14
C ILE B 215 15.38 29.87 19.40
N VAL B 216 16.65 29.73 19.78
CA VAL B 216 17.51 30.85 20.12
C VAL B 216 18.80 30.98 19.25
N PRO B 217 19.14 32.23 18.85
CA PRO B 217 20.32 32.59 18.03
C PRO B 217 21.67 32.09 18.61
N ARG B 218 22.67 31.89 17.74
CA ARG B 218 24.02 31.40 18.10
C ARG B 218 24.15 30.78 19.50
N ASP C 1 1.73 -14.77 -16.13
CA ASP C 1 1.30 -13.48 -15.62
C ASP C 1 0.96 -12.53 -16.76
N ILE C 2 -0.18 -11.86 -16.65
CA ILE C 2 -0.51 -10.80 -17.59
C ILE C 2 0.16 -9.52 -17.13
N VAL C 3 1.03 -8.95 -17.95
CA VAL C 3 1.65 -7.71 -17.53
C VAL C 3 0.83 -6.52 -18.05
N LEU C 4 0.46 -5.59 -17.17
CA LEU C 4 -0.27 -4.39 -17.54
C LEU C 4 0.66 -3.19 -17.47
N THR C 5 0.81 -2.56 -18.63
CA THR C 5 1.67 -1.41 -18.74
C THR C 5 0.83 -0.16 -18.82
N GLN C 6 1.04 0.72 -17.86
CA GLN C 6 0.30 1.96 -17.87
C GLN C 6 1.18 3.06 -18.34
N SER C 7 0.60 3.95 -19.14
CA SER C 7 1.36 5.11 -19.59
C SER C 7 0.50 6.37 -19.73
N PRO C 8 1.13 7.55 -19.52
CA PRO C 8 2.49 7.71 -19.00
C PRO C 8 2.58 7.48 -17.48
N ALA C 9 3.80 7.44 -16.94
CA ALA C 9 3.99 7.26 -15.50
C ALA C 9 3.60 8.47 -14.67
N ILE C 10 3.76 9.65 -15.25
CA ILE C 10 3.39 10.89 -14.56
C ILE C 10 2.68 11.74 -15.57
N LEU C 11 1.61 12.39 -15.12
CA LEU C 11 0.95 13.28 -16.03
C LEU C 11 0.73 14.67 -15.38
N SER C 12 1.21 15.71 -16.06
CA SER C 12 0.96 17.07 -15.59
C SER C 12 -0.26 17.68 -16.27
N VAL C 13 -1.18 18.23 -15.49
CA VAL C 13 -2.41 18.74 -16.09
C VAL C 13 -2.93 20.07 -15.54
N SER C 14 -3.68 20.81 -16.35
CA SER C 14 -4.29 22.06 -15.91
C SER C 14 -5.80 21.84 -15.70
N PRO C 15 -6.38 22.40 -14.63
CA PRO C 15 -7.81 22.25 -14.29
C PRO C 15 -8.77 22.48 -15.48
N GLY C 16 -9.77 21.59 -15.62
CA GLY C 16 -10.78 21.66 -16.66
C GLY C 16 -10.46 20.88 -17.93
N GLU C 17 -9.19 20.47 -18.07
CA GLU C 17 -8.70 19.71 -19.23
C GLU C 17 -9.22 18.25 -19.24
N ARG C 18 -9.38 17.69 -20.42
CA ARG C 18 -9.69 16.27 -20.56
C ARG C 18 -8.34 15.56 -20.57
N VAL C 19 -8.24 14.52 -19.74
CA VAL C 19 -6.98 13.78 -19.69
C VAL C 19 -7.36 12.35 -19.96
N SER C 20 -6.38 11.58 -20.41
CA SER C 20 -6.55 10.17 -20.72
C SER C 20 -5.31 9.43 -20.26
N PHE C 21 -5.46 8.16 -19.87
CA PHE C 21 -4.26 7.39 -19.60
C PHE C 21 -4.56 6.02 -20.10
N SER C 22 -3.51 5.23 -20.28
CA SER C 22 -3.67 4.02 -21.05
C SER C 22 -3.19 2.88 -20.16
N CYS C 23 -3.79 1.70 -20.38
CA CYS C 23 -3.41 0.45 -19.74
C CYS C 23 -3.33 -0.54 -20.87
N ARG C 24 -2.17 -1.17 -21.06
CA ARG C 24 -2.05 -2.12 -22.15
C ARG C 24 -1.72 -3.50 -21.62
N ALA C 25 -2.48 -4.51 -22.08
CA ALA C 25 -2.32 -5.88 -21.59
C ALA C 25 -1.49 -6.78 -22.52
N SER C 26 -0.68 -7.67 -21.95
CA SER C 26 0.15 -8.56 -22.78
C SER C 26 -0.68 -9.63 -23.50
N GLN C 27 -1.88 -9.89 -22.98
CA GLN C 27 -2.87 -10.82 -23.58
C GLN C 27 -4.30 -10.33 -23.65
N ASN C 28 -5.05 -10.94 -24.54
CA ASN C 28 -6.43 -10.58 -24.66
C ASN C 28 -7.15 -10.97 -23.38
N ILE C 29 -7.83 -9.99 -22.76
CA ILE C 29 -8.58 -10.19 -21.52
C ILE C 29 -10.04 -9.79 -21.63
N GLY C 30 -10.53 -9.71 -22.87
CA GLY C 30 -11.90 -9.30 -23.10
C GLY C 30 -12.06 -7.92 -22.52
N THR C 31 -13.05 -7.78 -21.65
CA THR C 31 -13.34 -6.55 -20.93
C THR C 31 -12.98 -6.61 -19.43
N SER C 32 -12.15 -7.56 -19.00
CA SER C 32 -11.84 -7.79 -17.59
C SER C 32 -10.77 -6.83 -17.05
N ILE C 33 -10.98 -5.54 -17.21
CA ILE C 33 -10.06 -4.52 -16.67
C ILE C 33 -10.83 -3.51 -15.80
N HIS C 34 -10.21 -3.13 -14.69
CA HIS C 34 -10.82 -2.22 -13.75
C HIS C 34 -9.88 -1.07 -13.39
N TRP C 35 -10.45 0.08 -13.06
CA TRP C 35 -9.65 1.27 -12.74
C TRP C 35 -9.87 1.68 -11.32
N TYR C 36 -8.80 2.05 -10.63
CA TYR C 36 -8.87 2.51 -9.23
C TYR C 36 -8.22 3.90 -9.04
N GLN C 37 -8.83 4.69 -8.18
CA GLN C 37 -8.27 5.98 -7.83
C GLN C 37 -7.79 5.96 -6.41
N GLN C 38 -6.58 6.48 -6.18
CA GLN C 38 -6.01 6.54 -4.84
C GLN C 38 -5.38 7.90 -4.52
N ARG C 39 -6.09 8.64 -3.69
CA ARG C 39 -5.58 9.91 -3.22
C ARG C 39 -4.59 9.69 -2.10
N THR C 40 -3.70 10.67 -1.93
CA THR C 40 -2.70 10.62 -0.90
C THR C 40 -3.35 10.24 0.45
N ASN C 41 -2.74 9.26 1.12
CA ASN C 41 -3.18 8.79 2.43
C ASN C 41 -4.63 8.32 2.50
N GLU C 42 -5.13 7.77 1.40
CA GLU C 42 -6.46 7.20 1.40
C GLU C 42 -6.41 5.80 0.82
N SER C 43 -7.48 5.04 1.01
CA SER C 43 -7.60 3.74 0.37
C SER C 43 -7.88 4.03 -1.08
N PRO C 44 -7.60 3.06 -1.96
CA PRO C 44 -7.98 3.16 -3.38
C PRO C 44 -9.49 3.17 -3.58
N ARG C 45 -9.98 3.70 -4.70
CA ARG C 45 -11.41 3.69 -4.78
C ARG C 45 -11.76 3.28 -6.23
N LEU C 46 -12.73 2.39 -6.38
CA LEU C 46 -13.15 1.94 -7.70
C LEU C 46 -13.88 3.01 -8.51
N ILE C 47 -13.42 3.16 -9.75
CA ILE C 47 -13.87 4.22 -10.63
C ILE C 47 -14.56 3.77 -11.92
N ILE C 48 -14.06 2.68 -12.50
CA ILE C 48 -14.65 2.07 -13.69
C ILE C 48 -14.41 0.57 -13.60
N LYS C 49 -15.42 -0.21 -13.91
CA LYS C 49 -15.28 -1.67 -13.93
C LYS C 49 -15.55 -2.14 -15.35
N TYR C 50 -14.96 -3.27 -15.73
CA TYR C 50 -15.19 -3.87 -17.04
C TYR C 50 -15.07 -2.89 -18.18
N ALA C 51 -13.94 -2.21 -18.22
CA ALA C 51 -13.60 -1.31 -19.32
C ALA C 51 -14.46 -0.05 -19.35
N SER C 52 -15.76 -0.20 -19.12
CA SER C 52 -16.68 0.91 -19.41
C SER C 52 -17.91 1.06 -18.49
N GLU C 53 -18.08 0.19 -17.51
CA GLU C 53 -19.30 0.22 -16.69
C GLU C 53 -19.17 1.20 -15.53
N SER C 54 -20.19 2.03 -15.36
CA SER C 54 -20.18 3.08 -14.30
C SER C 54 -20.42 2.47 -12.91
N ILE C 55 -20.06 3.24 -11.89
CA ILE C 55 -20.09 2.86 -10.48
C ILE C 55 -21.01 3.80 -9.70
N SER C 56 -21.80 3.25 -8.78
CA SER C 56 -22.74 4.02 -7.94
C SER C 56 -21.90 5.12 -7.34
N GLY C 57 -22.40 6.33 -7.48
CA GLY C 57 -21.72 7.47 -6.91
C GLY C 57 -20.72 7.71 -8.03
N ILE C 58 -19.61 8.33 -7.73
CA ILE C 58 -18.51 8.60 -8.67
C ILE C 58 -18.98 9.55 -9.78
N PRO C 59 -18.19 10.59 -10.03
CA PRO C 59 -18.54 11.60 -11.05
C PRO C 59 -18.74 11.09 -12.45
N SER C 60 -19.79 11.54 -13.14
CA SER C 60 -20.09 11.08 -14.49
C SER C 60 -18.97 11.50 -15.49
N ARG C 61 -18.09 12.42 -15.04
CA ARG C 61 -16.96 12.89 -15.85
C ARG C 61 -15.93 11.81 -16.12
N PHE C 62 -15.95 10.75 -15.31
CA PHE C 62 -15.05 9.62 -15.54
C PHE C 62 -15.61 8.66 -16.56
N SER C 63 -14.78 8.28 -17.53
CA SER C 63 -15.25 7.25 -18.47
C SER C 63 -14.11 6.37 -18.90
N GLY C 64 -14.43 5.18 -19.39
CA GLY C 64 -13.41 4.29 -19.92
C GLY C 64 -13.86 3.60 -21.20
N SER C 65 -12.89 3.23 -22.01
CA SER C 65 -13.15 2.54 -23.27
C SER C 65 -12.09 1.48 -23.53
N GLY C 66 -12.39 0.61 -24.49
CA GLY C 66 -11.45 -0.41 -24.95
C GLY C 66 -11.98 -1.83 -24.73
N SER C 67 -11.45 -2.75 -25.51
CA SER C 67 -11.82 -4.17 -25.41
C SER C 67 -10.75 -4.97 -26.11
N GLY C 68 -10.21 -5.96 -25.41
CA GLY C 68 -9.14 -6.74 -25.98
C GLY C 68 -7.83 -6.55 -25.22
N THR C 69 -7.03 -5.62 -25.73
CA THR C 69 -5.70 -5.42 -25.19
C THR C 69 -5.36 -3.98 -24.85
N ASP C 70 -6.07 -3.04 -25.49
CA ASP C 70 -5.78 -1.61 -25.37
C ASP C 70 -6.89 -0.90 -24.64
N PHE C 71 -6.61 -0.38 -23.44
CA PHE C 71 -7.70 0.24 -22.68
C PHE C 71 -7.35 1.68 -22.33
N THR C 72 -8.37 2.53 -22.25
CA THR C 72 -8.14 3.94 -21.92
C THR C 72 -9.14 4.49 -20.88
N LEU C 73 -8.63 5.23 -19.92
CA LEU C 73 -9.50 5.98 -19.01
C LEU C 73 -9.41 7.49 -19.26
N SER C 74 -10.54 8.18 -19.35
CA SER C 74 -10.44 9.62 -19.54
C SER C 74 -11.21 10.35 -18.44
N ILE C 75 -10.68 11.47 -17.98
CA ILE C 75 -11.47 12.27 -17.08
C ILE C 75 -11.73 13.62 -17.69
N ASN C 76 -12.99 13.91 -18.02
CA ASN C 76 -13.27 15.18 -18.69
C ASN C 76 -12.82 16.24 -17.65
N SER C 77 -13.21 17.50 -17.83
CA SER C 77 -12.78 18.58 -16.94
C SER C 77 -12.30 18.20 -15.51
N VAL C 78 -10.99 18.21 -15.32
CA VAL C 78 -10.35 17.74 -14.09
C VAL C 78 -10.69 18.65 -12.90
N GLU C 79 -11.03 18.06 -11.75
CA GLU C 79 -11.31 18.85 -10.57
C GLU C 79 -10.20 18.48 -9.60
N SER C 80 -9.97 19.35 -8.62
CA SER C 80 -8.85 19.18 -7.68
C SER C 80 -8.85 17.86 -6.91
N GLU C 81 -10.04 17.37 -6.62
CA GLU C 81 -10.18 16.17 -5.82
C GLU C 81 -9.77 14.96 -6.66
N ASP C 82 -9.58 15.18 -7.97
CA ASP C 82 -9.18 14.11 -8.87
C ASP C 82 -7.66 13.93 -8.92
N ILE C 83 -6.93 14.84 -8.33
CA ILE C 83 -5.49 14.69 -8.31
C ILE C 83 -5.15 13.51 -7.43
N ALA C 84 -4.51 12.49 -8.02
CA ALA C 84 -4.41 11.20 -7.36
C ALA C 84 -3.67 10.26 -8.29
N ASP C 85 -3.36 9.06 -7.78
CA ASP C 85 -2.83 7.99 -8.62
C ASP C 85 -3.90 7.05 -9.14
N TYR C 86 -3.67 6.55 -10.35
CA TYR C 86 -4.68 5.69 -11.00
C TYR C 86 -4.10 4.35 -11.42
N TYR C 87 -4.77 3.26 -11.03
CA TYR C 87 -4.26 1.91 -11.33
C TYR C 87 -5.26 1.09 -12.16
N CYS C 88 -4.76 0.29 -13.10
CA CYS C 88 -5.65 -0.70 -13.73
C CYS C 88 -5.37 -2.06 -13.16
N GLN C 89 -6.36 -2.96 -13.25
CA GLN C 89 -6.24 -4.30 -12.72
C GLN C 89 -7.04 -5.27 -13.54
N GLN C 90 -6.52 -6.47 -13.81
CA GLN C 90 -7.28 -7.50 -14.52
C GLN C 90 -7.71 -8.64 -13.63
N SER C 91 -8.87 -9.20 -13.94
CA SER C 91 -9.48 -10.27 -13.17
C SER C 91 -9.88 -11.44 -14.09
N ASN C 92 -9.28 -11.46 -15.28
CA ASN C 92 -9.62 -12.49 -16.23
C ASN C 92 -9.14 -13.84 -15.72
N THR C 93 -7.89 -13.88 -15.29
CA THR C 93 -7.27 -15.10 -14.80
C THR C 93 -6.28 -14.80 -13.67
N TRP C 94 -5.90 -15.87 -12.96
CA TRP C 94 -4.91 -15.74 -11.89
C TRP C 94 -3.53 -15.63 -12.51
N PRO C 95 -2.61 -14.87 -11.90
CA PRO C 95 -2.84 -14.07 -10.68
C PRO C 95 -3.52 -12.72 -11.04
N TYR C 96 -4.26 -12.11 -10.14
CA TYR C 96 -4.67 -10.74 -10.40
C TYR C 96 -3.41 -9.93 -10.65
N THR C 97 -3.43 -9.01 -11.60
CA THR C 97 -2.25 -8.19 -11.72
C THR C 97 -2.67 -6.71 -11.80
N PHE C 98 -1.75 -5.83 -11.37
CA PHE C 98 -1.98 -4.39 -11.36
C PHE C 98 -1.00 -3.69 -12.26
N GLY C 99 -1.42 -2.59 -12.87
CA GLY C 99 -0.50 -1.67 -13.51
C GLY C 99 0.40 -0.96 -12.53
N GLY C 100 1.46 -0.32 -13.07
CA GLY C 100 2.40 0.35 -12.21
C GLY C 100 1.89 1.70 -11.77
N GLY C 101 0.74 2.15 -12.29
CA GLY C 101 0.19 3.39 -11.78
C GLY C 101 0.55 4.61 -12.59
N THR C 102 -0.35 5.60 -12.57
CA THR C 102 -0.15 6.92 -13.15
C THR C 102 -0.35 8.01 -12.11
N LYS C 103 0.67 8.88 -11.95
CA LYS C 103 0.60 9.98 -10.98
C LYS C 103 0.02 11.18 -11.75
N LEU C 104 -1.02 11.80 -11.17
CA LEU C 104 -1.63 13.03 -11.74
C LEU C 104 -1.15 14.28 -11.07
N GLU C 105 -0.77 15.29 -11.85
CA GLU C 105 -0.48 16.55 -11.16
C GLU C 105 -1.04 17.73 -11.94
N LEU C 106 -1.24 18.81 -11.20
CA LEU C 106 -1.73 20.09 -11.71
C LEU C 106 -0.49 20.85 -12.23
N LYS C 107 -0.62 21.44 -13.42
CA LYS C 107 0.44 22.26 -14.03
C LYS C 107 0.59 23.68 -13.52
N ARG C 108 1.86 24.02 -13.26
CA ARG C 108 2.29 25.35 -12.86
C ARG C 108 3.62 25.74 -13.47
N ALA C 109 4.01 26.99 -13.22
CA ALA C 109 5.28 27.55 -13.67
C ALA C 109 6.41 26.82 -12.97
N ASP C 110 7.51 26.60 -13.68
CA ASP C 110 8.70 26.02 -13.06
C ASP C 110 9.19 26.94 -11.94
N ALA C 111 9.67 26.35 -10.84
CA ALA C 111 10.17 27.15 -9.72
C ALA C 111 11.37 26.49 -9.06
N ALA C 112 12.44 27.24 -8.96
CA ALA C 112 13.67 26.79 -8.31
C ALA C 112 13.44 26.72 -6.80
N PRO C 113 14.21 25.86 -6.10
CA PRO C 113 14.10 25.68 -4.64
C PRO C 113 14.62 26.84 -3.82
N THR C 114 13.91 27.12 -2.72
CA THR C 114 14.42 27.98 -1.66
C THR C 114 15.29 27.14 -0.70
N VAL C 115 16.57 27.45 -0.61
CA VAL C 115 17.47 26.56 0.11
C VAL C 115 17.88 27.17 1.42
N SER C 116 17.74 26.39 2.50
CA SER C 116 18.11 26.86 3.84
C SER C 116 19.01 25.80 4.52
N ILE C 117 20.13 26.24 5.08
CA ILE C 117 21.01 25.30 5.75
C ILE C 117 21.12 25.52 7.28
N PHE C 118 21.23 24.42 8.02
CA PHE C 118 21.29 24.51 9.47
C PHE C 118 22.43 23.64 9.94
N PRO C 119 23.29 24.22 10.77
CA PRO C 119 24.40 23.55 11.43
C PRO C 119 23.92 22.76 12.64
N PRO C 120 24.76 21.83 13.14
CA PRO C 120 24.41 21.08 14.34
C PRO C 120 24.08 22.02 15.52
N SER C 121 23.08 21.69 16.32
CA SER C 121 22.84 22.49 17.51
C SER C 121 23.99 22.23 18.46
N SER C 122 24.27 23.18 19.36
CA SER C 122 25.26 22.95 20.42
C SER C 122 24.83 21.78 21.36
N GLU C 123 23.54 21.68 21.69
CA GLU C 123 22.90 20.61 22.51
C GLU C 123 23.33 19.24 21.98
N GLN C 124 23.10 19.04 20.69
CA GLN C 124 23.45 17.77 20.08
C GLN C 124 24.92 17.52 20.08
N LEU C 125 25.69 18.56 19.82
CA LEU C 125 27.12 18.46 19.80
C LEU C 125 27.67 18.07 21.17
N THR C 126 27.01 18.54 22.23
CA THR C 126 27.41 18.22 23.61
C THR C 126 27.27 16.72 23.88
N SER C 127 26.33 16.08 23.16
CA SER C 127 26.07 14.66 23.36
C SER C 127 26.88 13.80 22.40
N GLY C 128 27.73 14.44 21.61
CA GLY C 128 28.59 13.73 20.68
C GLY C 128 27.94 13.47 19.32
N GLY C 129 26.79 14.09 19.07
CA GLY C 129 26.14 13.87 17.80
C GLY C 129 26.25 15.13 16.97
N ALA C 130 26.21 15.00 15.65
CA ALA C 130 26.30 16.17 14.80
C ALA C 130 25.44 15.94 13.56
N SER C 131 24.27 16.58 13.49
CA SER C 131 23.46 16.45 12.29
C SER C 131 23.37 17.78 11.52
N VAL C 132 23.76 17.73 10.25
CA VAL C 132 23.66 18.89 9.37
C VAL C 132 22.43 18.78 8.48
N VAL C 133 21.58 19.80 8.53
CA VAL C 133 20.30 19.74 7.81
C VAL C 133 20.25 20.71 6.61
N CYS C 134 19.67 20.25 5.51
CA CYS C 134 19.49 21.09 4.33
C CYS C 134 18.02 21.01 3.84
N PHE C 135 17.37 22.18 3.76
CA PHE C 135 16.03 22.31 3.20
C PHE C 135 15.97 22.90 1.80
N LEU C 136 15.21 22.26 0.95
CA LEU C 136 14.96 22.79 -0.37
C LEU C 136 13.42 22.96 -0.50
N ASN C 137 12.90 24.16 -0.28
CA ASN C 137 11.47 24.32 -0.11
C ASN C 137 10.81 24.99 -1.30
N ASN C 138 9.56 24.58 -1.58
CA ASN C 138 8.65 25.18 -2.56
C ASN C 138 9.17 25.35 -3.98
N PHE C 139 9.67 24.25 -4.54
CA PHE C 139 10.17 24.21 -5.90
C PHE C 139 9.27 23.37 -6.81
N TYR C 140 9.42 23.57 -8.11
CA TYR C 140 8.70 22.84 -9.16
C TYR C 140 9.61 23.01 -10.37
N PRO C 141 9.78 21.98 -11.21
CA PRO C 141 9.34 20.60 -11.51
C PRO C 141 9.87 19.41 -10.66
N LYS C 142 9.41 18.26 -11.17
CA LYS C 142 9.45 16.92 -10.60
C LYS C 142 10.84 16.40 -10.35
N ASP C 143 11.48 15.89 -11.41
CA ASP C 143 12.81 15.24 -11.34
C ASP C 143 13.81 16.24 -10.83
N ILE C 144 14.62 15.83 -9.83
CA ILE C 144 15.64 16.67 -9.18
C ILE C 144 16.66 15.84 -8.41
N ASN C 145 17.94 16.24 -8.48
CA ASN C 145 18.99 15.53 -7.72
C ASN C 145 19.76 16.35 -6.68
N VAL C 146 20.00 15.81 -5.49
CA VAL C 146 20.76 16.56 -4.50
C VAL C 146 22.05 15.81 -4.17
N LYS C 147 23.17 16.53 -4.21
CA LYS C 147 24.45 15.94 -3.85
C LYS C 147 25.11 16.76 -2.73
N TRP C 148 25.66 16.08 -1.74
CA TRP C 148 26.38 16.82 -0.70
C TRP C 148 27.92 16.75 -0.91
N LYS C 149 28.59 17.84 -0.55
CA LYS C 149 30.06 17.93 -0.57
C LYS C 149 30.61 18.51 0.71
N ILE C 150 31.76 17.97 1.08
CA ILE C 150 32.49 18.52 2.19
C ILE C 150 33.87 18.82 1.65
N ASP C 151 34.22 20.12 1.66
CA ASP C 151 35.47 20.62 1.08
C ASP C 151 35.59 20.05 -0.32
N GLY C 152 34.46 19.93 -1.01
CA GLY C 152 34.42 19.52 -2.38
C GLY C 152 34.24 18.01 -2.53
N SER C 153 34.51 17.25 -1.46
CA SER C 153 34.40 15.80 -1.64
C SER C 153 33.09 15.16 -1.19
N GLU C 154 32.48 14.42 -2.09
CA GLU C 154 31.21 13.74 -1.82
C GLU C 154 31.21 12.54 -0.84
N ARG C 155 30.47 12.60 0.26
CA ARG C 155 30.31 11.42 1.14
C ARG C 155 28.93 10.88 0.71
N GLN C 156 28.59 9.59 0.63
CA GLN C 156 27.23 9.43 0.09
C GLN C 156 26.17 8.64 0.92
N ASN C 157 26.52 7.62 1.72
CA ASN C 157 25.48 6.90 2.51
C ASN C 157 25.37 7.65 3.83
N GLY C 158 24.15 7.66 4.35
CA GLY C 158 23.77 8.30 5.59
C GLY C 158 23.40 9.74 5.43
N VAL C 159 23.05 10.03 4.19
CA VAL C 159 22.51 11.29 3.81
C VAL C 159 21.12 10.69 3.63
N LEU C 160 20.14 11.13 4.40
CA LEU C 160 18.81 10.54 4.22
C LEU C 160 17.86 11.62 3.77
N ASN C 161 17.09 11.33 2.71
CA ASN C 161 16.22 12.32 2.11
C ASN C 161 14.77 12.01 2.31
N SER C 162 13.95 13.08 2.32
CA SER C 162 12.53 12.96 2.51
C SER C 162 11.77 14.01 1.69
N GLU C 163 10.70 13.58 1.04
CA GLU C 163 10.00 14.47 0.14
C GLU C 163 8.55 14.65 0.58
N THR C 164 8.07 15.89 0.44
CA THR C 164 6.67 16.21 0.72
C THR C 164 5.81 15.98 -0.48
N ASP C 165 4.52 15.94 -0.19
CA ASP C 165 3.49 15.88 -1.22
C ASP C 165 3.31 17.25 -1.83
N GLN C 166 2.66 17.30 -3.00
CA GLN C 166 2.43 18.58 -3.64
C GLN C 166 1.62 19.46 -2.68
N ASP C 167 2.02 20.73 -2.48
CA ASP C 167 1.31 21.64 -1.57
C ASP C 167 -0.10 21.81 -2.17
N SER C 168 -1.12 21.66 -1.34
CA SER C 168 -2.50 21.73 -1.84
C SER C 168 -2.94 23.09 -2.37
N LYS C 169 -2.37 24.12 -1.75
CA LYS C 169 -2.66 25.52 -2.05
C LYS C 169 -1.77 26.11 -3.14
N ASP C 170 -0.45 26.05 -3.00
CA ASP C 170 0.36 26.74 -4.00
C ASP C 170 0.88 25.71 -4.99
N SER C 171 0.44 24.47 -4.81
CA SER C 171 0.76 23.39 -5.73
C SER C 171 2.24 23.11 -5.85
N THR C 172 3.03 23.54 -4.88
CA THR C 172 4.45 23.30 -5.02
C THR C 172 4.95 22.03 -4.27
N TYR C 173 6.23 21.68 -4.43
CA TYR C 173 6.81 20.55 -3.71
C TYR C 173 7.96 21.10 -2.86
N SER C 174 8.29 20.39 -1.79
CA SER C 174 9.44 20.70 -0.93
C SER C 174 10.22 19.41 -0.59
N MET C 175 11.50 19.56 -0.28
CA MET C 175 12.39 18.46 0.05
C MET C 175 13.32 18.70 1.23
N SER C 176 13.57 17.64 2.01
CA SER C 176 14.48 17.68 3.15
C SER C 176 15.64 16.69 3.09
N SER C 177 16.85 17.14 3.35
CA SER C 177 17.98 16.23 3.32
C SER C 177 18.80 16.37 4.58
N THR C 178 19.01 15.26 5.26
CA THR C 178 19.73 15.36 6.52
C THR C 178 20.92 14.44 6.48
N LEU C 179 22.11 15.02 6.64
CA LEU C 179 23.32 14.22 6.72
C LEU C 179 23.75 14.10 8.20
N THR C 180 23.74 12.89 8.77
CA THR C 180 24.13 12.76 10.16
C THR C 180 25.49 12.10 10.36
N LEU C 181 26.34 12.79 11.13
CA LEU C 181 27.68 12.34 11.41
C LEU C 181 28.01 12.40 12.91
N THR C 182 29.07 11.70 13.33
CA THR C 182 29.66 11.89 14.65
C THR C 182 30.46 13.20 14.73
N LYS C 183 30.51 13.87 15.88
CA LYS C 183 31.36 15.08 16.04
C LYS C 183 32.84 14.83 15.71
N ASP C 184 33.33 13.65 16.07
CA ASP C 184 34.74 13.32 15.81
C ASP C 184 34.99 13.28 14.31
N GLU C 185 34.19 12.47 13.61
CA GLU C 185 34.29 12.35 12.17
C GLU C 185 34.09 13.77 11.64
N TYR C 186 33.13 14.48 12.24
CA TYR C 186 32.76 15.84 11.85
C TYR C 186 33.97 16.80 11.95
N GLU C 187 35.06 16.35 12.56
CA GLU C 187 36.30 17.15 12.61
C GLU C 187 37.14 16.98 11.31
N ARG C 188 36.68 16.08 10.45
CA ARG C 188 37.07 15.94 9.04
C ARG C 188 37.60 17.22 8.43
N HIS C 189 36.62 18.03 8.11
CA HIS C 189 36.65 19.31 7.47
C HIS C 189 35.99 20.36 8.36
N ASN C 190 36.06 21.57 7.86
CA ASN C 190 35.71 22.83 8.47
C ASN C 190 34.55 23.32 7.66
N THR C 191 34.63 23.13 6.35
CA THR C 191 33.68 23.73 5.46
C THR C 191 32.77 22.57 4.97
N TYR C 192 31.46 22.80 5.11
CA TYR C 192 30.40 21.87 4.74
C TYR C 192 29.45 22.54 3.77
N THR C 193 29.21 21.83 2.67
CA THR C 193 28.46 22.36 1.54
C THR C 193 27.30 21.45 1.06
N CYS C 194 26.10 22.01 0.97
CA CYS C 194 24.97 21.35 0.33
C CYS C 194 24.73 21.87 -1.09
N GLU C 195 24.65 20.98 -2.07
CA GLU C 195 24.48 21.43 -3.46
C GLU C 195 23.34 20.72 -4.15
N ALA C 196 22.36 21.55 -4.45
CA ALA C 196 21.10 21.17 -5.02
C ALA C 196 21.09 21.40 -6.53
N THR C 197 20.88 20.31 -7.28
CA THR C 197 20.71 20.31 -8.74
C THR C 197 19.25 20.18 -9.20
N HIS C 198 18.76 21.23 -9.89
CA HIS C 198 17.36 21.36 -10.37
C HIS C 198 17.30 21.73 -11.87
N LYS C 199 16.15 21.49 -12.49
CA LYS C 199 15.98 21.73 -13.93
C LYS C 199 16.09 23.22 -14.28
N THR C 200 15.67 24.06 -13.33
CA THR C 200 15.57 25.51 -13.52
C THR C 200 16.92 26.14 -13.96
N SER C 201 18.03 25.40 -13.76
CA SER C 201 19.37 25.87 -14.12
C SER C 201 20.38 24.73 -14.22
N THR C 202 21.25 24.78 -15.24
CA THR C 202 22.31 23.77 -15.35
C THR C 202 23.36 23.99 -14.25
N SER C 203 23.31 25.13 -13.57
CA SER C 203 24.25 25.39 -12.47
C SER C 203 23.64 24.99 -11.10
N PRO C 204 24.19 23.93 -10.46
CA PRO C 204 23.76 23.59 -9.09
C PRO C 204 23.94 24.72 -8.10
N ILE C 205 22.96 24.96 -7.22
CA ILE C 205 23.17 25.92 -6.13
C ILE C 205 23.87 25.30 -4.93
N VAL C 206 25.01 25.86 -4.55
CA VAL C 206 25.77 25.30 -3.45
C VAL C 206 25.71 26.34 -2.33
N LYS C 207 25.29 25.91 -1.15
CA LYS C 207 25.36 26.76 0.03
C LYS C 207 26.23 26.08 1.05
N SER C 208 27.01 26.87 1.79
CA SER C 208 27.92 26.24 2.71
C SER C 208 28.32 27.15 3.83
N PHE C 209 28.95 26.54 4.82
CA PHE C 209 29.50 27.22 5.98
C PHE C 209 30.74 26.48 6.49
N ASN C 210 31.62 27.23 7.11
CA ASN C 210 32.85 26.80 7.73
C ASN C 210 32.62 26.81 9.23
N ARG C 211 32.89 25.62 9.81
CA ARG C 211 32.65 25.37 11.22
C ARG C 211 33.46 26.30 12.13
N ASN C 212 34.74 26.54 11.84
CA ASN C 212 35.53 27.41 12.73
C ASN C 212 35.00 28.89 12.73
N GLU C 213 34.02 29.16 11.87
CA GLU C 213 33.38 30.50 11.78
C GLU C 213 31.86 30.38 11.57
#